data_9HSI
#
_entry.id   9HSI
#
_cell.length_a   50.275
_cell.length_b   70.256
_cell.length_c   118.203
_cell.angle_alpha   90.000
_cell.angle_beta   90.000
_cell.angle_gamma   90.000
#
_symmetry.space_group_name_H-M   'I 2 2 2'
#
loop_
_entity.id
_entity.type
_entity.pdbx_description
1 polymer 'choline-phosphate cytidylyltransferase'
2 non-polymer PHOSPHOCHOLINE
3 water water
#
_entity_poly.entity_id   1
_entity_poly.type   'polypeptide(L)'
_entity_poly.pdbx_seq_one_letter_code
;GHMAVPDDDDDDDNSNDESEYESSQMDSEKNKGSIKNSKNVVIYADGVYDMLHLGHMKQLEQAKKLFENTTLIVGVTSDN
ETKLFKGQVVQTLEERTETLKHIRWVDEIISPCPWVVTPEFLEKYKIDYVAHDDIPYANNQKEDIYAWLKRAGKFKATQR
TEGVSTTDLIVRILKNYED
;
_entity_poly.pdbx_strand_id   A
#
loop_
_chem_comp.id
_chem_comp.type
_chem_comp.name
_chem_comp.formula
PC non-polymer PHOSPHOCHOLINE 'C5 H15 N O4 P 1'
#
# COMPACT_ATOMS: atom_id res chain seq x y z
N LYS A 39 3.96 21.35 -10.78
CA LYS A 39 3.10 20.42 -11.54
C LYS A 39 2.77 19.15 -10.73
N ASN A 40 1.51 18.72 -10.79
CA ASN A 40 1.05 17.64 -9.93
C ASN A 40 1.48 16.27 -10.47
N VAL A 41 2.01 15.42 -9.58
CA VAL A 41 2.55 14.12 -9.95
C VAL A 41 1.66 13.05 -9.33
N VAL A 42 1.14 12.14 -10.16
CA VAL A 42 0.24 11.10 -9.69
C VAL A 42 1.04 9.88 -9.26
N ILE A 43 0.90 9.50 -7.98
CA ILE A 43 1.61 8.38 -7.37
C ILE A 43 0.61 7.27 -7.10
N TYR A 44 0.99 6.03 -7.39
CA TYR A 44 0.13 4.88 -7.15
C TYR A 44 0.85 3.93 -6.20
N ALA A 45 0.19 3.62 -5.09
CA ALA A 45 0.72 2.71 -4.07
C ALA A 45 -0.32 1.62 -3.81
N ASP A 46 -0.04 0.39 -4.26
CA ASP A 46 -0.97 -0.70 -4.01
C ASP A 46 -0.50 -1.54 -2.83
N GLY A 47 -1.41 -2.36 -2.32
CA GLY A 47 -1.09 -3.19 -1.17
C GLY A 47 -2.34 -3.82 -0.60
N VAL A 48 -2.13 -4.74 0.34
CA VAL A 48 -3.23 -5.38 1.04
C VAL A 48 -3.79 -4.44 2.12
N TYR A 49 -2.91 -3.73 2.82
CA TYR A 49 -3.30 -2.81 3.90
C TYR A 49 -4.20 -3.51 4.92
N ASP A 50 -3.80 -4.71 5.31
CA ASP A 50 -4.51 -5.45 6.33
C ASP A 50 -4.07 -4.94 7.69
N MET A 51 -5.04 -4.73 8.58
CA MET A 51 -4.78 -4.29 9.96
C MET A 51 -3.76 -3.15 9.98
N LEU A 52 -4.15 -2.05 9.33
CA LEU A 52 -3.24 -0.94 9.06
C LEU A 52 -2.53 -0.47 10.32
N HIS A 53 -1.21 -0.30 10.21
CA HIS A 53 -0.39 0.06 11.35
C HIS A 53 0.57 1.19 10.97
N LEU A 54 1.31 1.65 11.97
CA LEU A 54 2.24 2.74 11.77
C LEU A 54 3.18 2.49 10.61
N GLY A 55 3.57 1.23 10.38
CA GLY A 55 4.42 0.92 9.25
C GLY A 55 3.79 1.28 7.92
N HIS A 56 2.54 0.86 7.70
CA HIS A 56 1.80 1.26 6.50
C HIS A 56 1.71 2.77 6.40
N MET A 57 1.45 3.44 7.53
CA MET A 57 1.18 4.86 7.49
C MET A 57 2.42 5.63 7.08
N LYS A 58 3.59 5.18 7.55
CA LYS A 58 4.83 5.85 7.16
C LYS A 58 5.13 5.61 5.70
N GLN A 59 4.79 4.41 5.20
CA GLN A 59 4.97 4.13 3.78
C GLN A 59 4.10 5.03 2.93
N LEU A 60 2.83 5.20 3.33
CA LEU A 60 1.94 6.09 2.59
C LEU A 60 2.44 7.53 2.65
N GLU A 61 2.88 7.97 3.83
CA GLU A 61 3.46 9.30 3.95
C GLU A 61 4.62 9.46 2.98
N GLN A 62 5.48 8.44 2.91
CA GLN A 62 6.66 8.52 2.05
C GLN A 62 6.23 8.68 0.60
N ALA A 63 5.26 7.86 0.17
CA ALA A 63 4.78 7.97 -1.20
C ALA A 63 4.15 9.33 -1.45
N LYS A 64 3.27 9.78 -0.55
CA LYS A 64 2.67 11.09 -0.71
C LYS A 64 3.73 12.18 -0.90
N LYS A 65 4.87 12.06 -0.21
CA LYS A 65 5.86 13.12 -0.20
C LYS A 65 6.98 12.94 -1.23
N LEU A 66 6.81 12.01 -2.19
CA LEU A 66 7.89 11.80 -3.16
C LEU A 66 8.18 13.05 -3.97
N PHE A 67 7.19 13.90 -4.20
CA PHE A 67 7.39 15.15 -4.89
C PHE A 67 6.60 16.23 -4.17
N GLU A 68 6.86 17.47 -4.56
CA GLU A 68 6.27 18.62 -3.86
C GLU A 68 4.74 18.63 -3.97
N ASN A 69 4.21 18.40 -5.15
CA ASN A 69 2.76 18.33 -5.40
C ASN A 69 2.43 16.96 -5.99
N THR A 70 1.63 16.18 -5.27
CA THR A 70 1.25 14.86 -5.73
C THR A 70 -0.25 14.63 -5.50
N THR A 71 -0.78 13.68 -6.25
CA THR A 71 -1.98 12.93 -5.90
C THR A 71 -1.58 11.49 -5.58
N LEU A 72 -1.82 11.06 -4.34
CA LEU A 72 -1.54 9.68 -3.93
C LEU A 72 -2.80 8.85 -4.14
N ILE A 73 -2.76 7.92 -5.10
CA ILE A 73 -3.83 6.93 -5.29
C ILE A 73 -3.38 5.68 -4.58
N VAL A 74 -4.26 5.07 -3.80
CA VAL A 74 -3.96 3.83 -3.10
C VAL A 74 -4.83 2.72 -3.68
N GLY A 75 -4.21 1.62 -4.08
CA GLY A 75 -4.93 0.44 -4.53
C GLY A 75 -4.99 -0.60 -3.42
N VAL A 76 -6.20 -1.12 -3.19
CA VAL A 76 -6.46 -2.10 -2.14
C VAL A 76 -6.83 -3.42 -2.80
N THR A 77 -6.03 -4.46 -2.55
CA THR A 77 -6.17 -5.73 -3.24
C THR A 77 -7.41 -6.48 -2.75
N SER A 78 -8.00 -7.28 -3.63
CA SER A 78 -9.22 -8.03 -3.31
C SER A 78 -8.93 -9.13 -2.29
N ASP A 79 -9.95 -9.53 -1.54
CA ASP A 79 -9.83 -10.68 -0.64
C ASP A 79 -9.40 -11.92 -1.41
N ASN A 80 -10.08 -12.21 -2.51
CA ASN A 80 -9.81 -13.45 -3.25
C ASN A 80 -8.37 -13.53 -3.72
N GLU A 81 -7.87 -12.48 -4.37
CA GLU A 81 -6.52 -12.52 -4.92
C GLU A 81 -5.46 -12.46 -3.83
N THR A 82 -5.70 -11.67 -2.79
CA THR A 82 -4.77 -11.67 -1.66
C THR A 82 -4.62 -13.07 -1.10
N LYS A 83 -5.73 -13.70 -0.74
CA LYS A 83 -5.69 -15.08 -0.27
C LYS A 83 -4.95 -15.98 -1.26
N LEU A 84 -5.30 -15.86 -2.55
CA LEU A 84 -4.78 -16.79 -3.55
C LEU A 84 -3.28 -16.63 -3.73
N PHE A 85 -2.77 -15.39 -3.72
CA PHE A 85 -1.38 -15.11 -4.04
C PHE A 85 -0.51 -14.81 -2.83
N LYS A 86 -1.10 -14.39 -1.71
CA LYS A 86 -0.32 -13.95 -0.56
C LYS A 86 -0.61 -14.76 0.70
N GLY A 87 -1.87 -14.84 1.08
CA GLY A 87 -2.25 -15.55 2.28
C GLY A 87 -3.51 -14.94 2.87
N GLN A 88 -3.95 -15.56 3.96
CA GLN A 88 -5.20 -15.16 4.59
C GLN A 88 -5.14 -13.69 4.99
N VAL A 89 -6.23 -12.99 4.75
CA VAL A 89 -6.40 -11.62 5.19
C VAL A 89 -7.32 -11.63 6.40
N VAL A 90 -7.06 -10.74 7.35
CA VAL A 90 -7.88 -10.64 8.55
C VAL A 90 -9.12 -9.81 8.29
N GLN A 91 -8.93 -8.62 7.74
CA GLN A 91 -10.01 -7.68 7.47
C GLN A 91 -10.49 -7.85 6.04
N THR A 92 -11.77 -7.58 5.83
CA THR A 92 -12.34 -7.63 4.50
C THR A 92 -11.84 -6.46 3.65
N LEU A 93 -12.03 -6.59 2.34
CA LEU A 93 -11.76 -5.46 1.44
C LEU A 93 -12.44 -4.19 1.95
N GLU A 94 -13.71 -4.29 2.34
CA GLU A 94 -14.44 -3.12 2.82
C GLU A 94 -13.80 -2.53 4.07
N GLU A 95 -13.46 -3.37 5.05
CA GLU A 95 -12.82 -2.88 6.26
C GLU A 95 -11.45 -2.27 5.97
N ARG A 96 -10.63 -2.92 5.12
CA ARG A 96 -9.32 -2.35 4.81
C ARG A 96 -9.46 -1.04 4.05
N THR A 97 -10.44 -0.94 3.17
CA THR A 97 -10.65 0.29 2.42
C THR A 97 -11.17 1.43 3.31
N GLU A 98 -12.07 1.12 4.24
CA GLU A 98 -12.66 2.18 5.06
C GLU A 98 -11.63 2.81 5.99
N THR A 99 -10.65 2.04 6.46
CA THR A 99 -9.64 2.64 7.34
C THR A 99 -8.75 3.60 6.55
N LEU A 100 -8.35 3.20 5.34
CA LEU A 100 -7.47 4.03 4.53
C LEU A 100 -8.08 5.40 4.26
N LYS A 101 -9.41 5.48 4.22
CA LYS A 101 -10.08 6.75 3.99
C LYS A 101 -9.71 7.79 5.05
N HIS A 102 -9.38 7.34 6.26
CA HIS A 102 -9.09 8.23 7.37
C HIS A 102 -7.62 8.64 7.45
N ILE A 103 -6.81 8.21 6.50
CA ILE A 103 -5.37 8.45 6.54
C ILE A 103 -5.06 9.72 5.79
N ARG A 104 -4.30 10.59 6.45
CA ARG A 104 -4.04 11.94 5.97
C ARG A 104 -3.49 11.94 4.55
N TRP A 105 -2.59 11.00 4.26
CA TRP A 105 -1.80 11.03 3.03
C TRP A 105 -2.56 10.55 1.82
N VAL A 106 -3.71 9.91 2.01
CA VAL A 106 -4.45 9.23 0.95
C VAL A 106 -5.37 10.23 0.25
N ASP A 107 -5.17 10.42 -1.05
CA ASP A 107 -6.03 11.31 -1.83
C ASP A 107 -7.15 10.58 -2.56
N GLU A 108 -6.85 9.41 -3.13
CA GLU A 108 -7.81 8.66 -3.92
C GLU A 108 -7.55 7.18 -3.65
N ILE A 109 -8.60 6.38 -3.79
CA ILE A 109 -8.51 4.95 -3.53
C ILE A 109 -9.09 4.20 -4.72
N ILE A 110 -8.37 3.19 -5.19
CA ILE A 110 -8.91 2.23 -6.15
C ILE A 110 -9.10 0.92 -5.39
N SER A 111 -10.37 0.55 -5.17
CA SER A 111 -10.70 -0.61 -4.33
C SER A 111 -11.91 -1.38 -4.88
N PRO A 112 -11.72 -2.64 -5.32
CA PRO A 112 -10.42 -3.30 -5.32
C PRO A 112 -9.55 -2.81 -6.47
N CYS A 113 -8.25 -3.06 -6.38
CA CYS A 113 -7.32 -2.77 -7.44
C CYS A 113 -6.87 -4.08 -8.09
N PRO A 114 -6.33 -4.02 -9.30
CA PRO A 114 -5.76 -5.24 -9.90
C PRO A 114 -4.59 -5.73 -9.09
N TRP A 115 -4.38 -7.05 -9.14
CA TRP A 115 -3.27 -7.62 -8.41
C TRP A 115 -1.94 -7.27 -9.06
N VAL A 116 -1.89 -7.24 -10.38
CA VAL A 116 -0.66 -6.93 -11.12
C VAL A 116 -0.84 -5.61 -11.86
N VAL A 117 0.06 -4.67 -11.60
CA VAL A 117 0.11 -3.44 -12.38
C VAL A 117 0.48 -3.75 -13.81
N THR A 118 -0.21 -3.11 -14.76
CA THR A 118 0.07 -3.20 -16.18
C THR A 118 0.35 -1.81 -16.73
N PRO A 119 0.97 -1.72 -17.92
CA PRO A 119 1.11 -0.39 -18.55
C PRO A 119 -0.24 0.23 -18.90
N GLU A 120 -1.22 -0.57 -19.31
CA GLU A 120 -2.56 0.00 -19.57
C GLU A 120 -3.13 0.65 -18.31
N PHE A 121 -2.93 0.02 -17.15
CA PHE A 121 -3.39 0.61 -15.89
C PHE A 121 -2.79 1.99 -15.68
N LEU A 122 -1.48 2.14 -15.93
CA LEU A 122 -0.82 3.43 -15.74
C LEU A 122 -1.43 4.50 -16.63
N GLU A 123 -1.69 4.16 -17.90
CA GLU A 123 -2.36 5.09 -18.80
C GLU A 123 -3.79 5.35 -18.37
N LYS A 124 -4.50 4.31 -17.96
CA LYS A 124 -5.91 4.50 -17.61
C LYS A 124 -6.08 5.50 -16.47
N TYR A 125 -5.23 5.42 -15.45
CA TYR A 125 -5.34 6.32 -14.30
C TYR A 125 -4.32 7.46 -14.33
N LYS A 126 -3.56 7.59 -15.42
CA LYS A 126 -2.64 8.71 -15.60
C LYS A 126 -1.61 8.74 -14.46
N ILE A 127 -1.09 7.56 -14.12
CA ILE A 127 -0.14 7.42 -13.01
C ILE A 127 1.27 7.71 -13.51
N ASP A 128 2.01 8.52 -12.75
CA ASP A 128 3.37 8.84 -13.13
C ASP A 128 4.37 7.89 -12.49
N TYR A 129 4.14 7.45 -11.25
CA TYR A 129 5.07 6.58 -10.55
C TYR A 129 4.30 5.55 -9.73
N VAL A 130 4.83 4.34 -9.69
CA VAL A 130 4.37 3.30 -8.77
C VAL A 130 5.28 3.29 -7.55
N ALA A 131 4.69 3.37 -6.37
CA ALA A 131 5.40 3.41 -5.10
C ALA A 131 5.12 2.11 -4.36
N HIS A 132 6.17 1.37 -4.01
CA HIS A 132 6.03 0.06 -3.40
C HIS A 132 7.34 -0.31 -2.72
N ASP A 133 7.26 -1.14 -1.69
CA ASP A 133 8.49 -1.69 -1.13
C ASP A 133 9.17 -2.56 -2.19
N ASP A 134 10.49 -2.69 -2.07
CA ASP A 134 11.30 -3.36 -3.07
C ASP A 134 11.74 -4.74 -2.60
N ASP A 144 12.31 -9.82 -10.54
CA ASP A 144 11.65 -8.66 -9.96
C ASP A 144 10.46 -8.22 -10.80
N ILE A 145 9.27 -8.33 -10.22
CA ILE A 145 8.04 -7.93 -10.92
C ILE A 145 7.97 -6.43 -11.18
N TYR A 146 8.81 -5.63 -10.53
CA TYR A 146 8.85 -4.19 -10.73
C TYR A 146 9.98 -3.74 -11.67
N ALA A 147 10.75 -4.68 -12.21
CA ALA A 147 11.83 -4.32 -13.14
C ALA A 147 11.32 -3.48 -14.32
N TRP A 148 10.16 -3.84 -14.90
CA TRP A 148 9.66 -3.06 -16.03
C TRP A 148 9.35 -1.62 -15.62
N LEU A 149 8.86 -1.42 -14.39
CA LEU A 149 8.64 -0.06 -13.90
C LEU A 149 9.97 0.68 -13.72
N LYS A 150 10.95 0.03 -13.11
CA LYS A 150 12.26 0.66 -12.93
C LYS A 150 12.89 1.02 -14.26
N ARG A 151 12.89 0.06 -15.19
CA ARG A 151 13.35 0.30 -16.55
C ARG A 151 12.72 1.55 -17.16
N ALA A 152 11.44 1.82 -16.85
CA ALA A 152 10.76 2.97 -17.44
C ALA A 152 10.98 4.29 -16.70
N GLY A 153 11.60 4.25 -15.51
CA GLY A 153 11.76 5.43 -14.68
C GLY A 153 10.56 5.73 -13.82
N LYS A 154 9.66 4.76 -13.63
CA LYS A 154 8.39 5.00 -12.98
C LYS A 154 8.27 4.27 -11.65
N PHE A 155 9.38 3.77 -11.10
CA PHE A 155 9.31 3.06 -9.83
C PHE A 155 9.91 3.92 -8.73
N LYS A 156 9.19 4.05 -7.61
CA LYS A 156 9.69 4.75 -6.43
C LYS A 156 9.66 3.80 -5.24
N ALA A 157 10.83 3.35 -4.80
CA ALA A 157 10.87 2.45 -3.65
C ALA A 157 10.41 3.18 -2.39
N THR A 158 9.57 2.51 -1.59
CA THR A 158 9.23 2.97 -0.25
C THR A 158 9.56 1.86 0.75
N GLN A 159 9.81 2.26 1.99
CA GLN A 159 10.37 1.37 2.99
C GLN A 159 9.32 0.93 4.01
N ARG A 160 9.42 -0.33 4.42
CA ARG A 160 8.64 -0.85 5.53
C ARG A 160 9.24 -0.37 6.84
N THR A 161 8.51 -0.61 7.93
CA THR A 161 9.00 -0.36 9.28
C THR A 161 8.79 -1.62 10.09
N GLU A 162 9.87 -2.19 10.61
CA GLU A 162 9.74 -3.45 11.34
C GLU A 162 9.18 -3.21 12.74
N GLY A 163 8.61 -4.28 13.31
CA GLY A 163 8.24 -4.32 14.71
C GLY A 163 6.97 -3.58 15.12
N VAL A 164 6.38 -2.78 14.23
CA VAL A 164 5.27 -1.92 14.60
C VAL A 164 3.92 -2.55 14.29
N SER A 165 3.88 -3.82 13.92
CA SER A 165 2.64 -4.35 13.37
C SER A 165 1.69 -4.80 14.50
N THR A 166 0.41 -4.81 14.16
CA THR A 166 -0.61 -5.23 15.11
C THR A 166 -0.34 -6.63 15.64
N THR A 167 0.11 -7.54 14.77
CA THR A 167 0.58 -8.85 15.22
C THR A 167 1.55 -8.72 16.39
N ASP A 168 2.57 -7.86 16.22
CA ASP A 168 3.61 -7.73 17.23
C ASP A 168 3.11 -7.07 18.50
N LEU A 169 2.00 -6.34 18.44
CA LEU A 169 1.48 -5.69 19.64
C LEU A 169 0.69 -6.65 20.52
N ILE A 170 0.04 -7.66 19.93
CA ILE A 170 -0.48 -8.76 20.74
C ILE A 170 0.66 -9.58 21.29
N VAL A 171 1.65 -9.88 20.44
CA VAL A 171 2.86 -10.56 20.90
C VAL A 171 3.49 -9.79 22.04
N ARG A 172 3.36 -8.46 22.02
CA ARG A 172 3.89 -7.63 23.11
C ARG A 172 3.18 -7.94 24.42
N ILE A 173 1.86 -7.82 24.46
CA ILE A 173 1.13 -8.09 25.69
C ILE A 173 1.27 -9.55 26.09
N LEU A 174 1.44 -10.45 25.12
CA LEU A 174 1.83 -11.81 25.46
C LEU A 174 3.34 -11.85 25.72
N LYS A 175 3.78 -12.82 26.52
CA LYS A 175 5.18 -12.92 26.88
C LYS A 175 5.57 -11.80 27.85
N ASN A 176 5.07 -10.58 27.58
CA ASN A 176 5.21 -9.47 28.51
C ASN A 176 4.02 -9.33 29.44
N TYR A 177 2.92 -10.05 29.20
CA TYR A 177 2.04 -10.34 30.32
C TYR A 177 1.08 -11.49 30.00
N GLU A 178 0.31 -11.86 31.04
CA GLU A 178 -0.30 -13.15 31.31
C GLU A 178 0.79 -14.22 31.29
N ASP A 179 2.06 -13.77 31.34
CA ASP A 179 3.24 -14.64 31.29
C ASP A 179 3.33 -15.39 29.97
P1 PC B . 1.89 -5.69 -0.20
O1 PC B . 2.72 -4.44 -0.29
O3 PC B . 2.55 -7.04 -0.40
O4 PC B . 0.65 -5.69 0.71
O2 PC B . 1.07 -5.66 -1.96
C1 PC B . 1.53 -6.46 -2.91
C2 PC B . 1.28 -5.64 -4.24
N1 PC B . 0.29 -6.44 -5.16
C3 PC B . 1.01 -7.55 -6.12
C4 PC B . -0.35 -5.44 -6.12
C5 PC B . -0.81 -7.09 -4.39
H11 PC B . 2.62 -6.69 -2.84
H12 PC B . 0.99 -7.44 -3.00
H21 PC B . 2.23 -5.46 -4.78
H22 PC B . 0.86 -4.65 -4.02
H31 PC B . 1.50 -8.35 -5.53
H32 PC B . 1.80 -7.13 -6.76
H33 PC B . 0.30 -8.07 -6.79
H41 PC B . -0.68 -4.52 -5.59
H42 PC B . 0.35 -5.13 -6.92
H43 PC B . -1.25 -5.87 -6.62
H51 PC B . -1.16 -6.43 -3.56
H52 PC B . -1.67 -7.32 -5.03
H53 PC B . -0.46 -8.04 -3.93
#